data_9F8I
#
_entry.id   9F8I
#
_cell.length_a   68.855
_cell.length_b   68.157
_cell.length_c   82.807
_cell.angle_alpha   90.00
_cell.angle_beta   90.15
_cell.angle_gamma   90.00
#
_symmetry.space_group_name_H-M   'P 1 21 1'
#
loop_
_entity.id
_entity.type
_entity.pdbx_description
1 polymer 'Phenazine biosynthesis protein A/B'
2 non-polymer GLYCEROL
3 non-polymer (4-chlorophenyl)-[2-(4-hydroxyphenyl)-6-oxidanyl-1-benzothiophen-3-yl]methanone
4 non-polymer 1,2-ETHANEDIOL
5 water water
#
_entity_poly.entity_id   1
_entity_poly.type   'polypeptide(L)'
_entity_poly.pdbx_seq_one_letter_code
;MGSSHHHHHHSSGLVPRGSHMSDVESLENTSENRAQVAARQHNRKIVEQYMHTRGEARLKRHLLFTEDGVGGLWTTDSGQ
PIAIRGREKLGEHAVWSLQCFPDWVWTDIQIFETQDPNWFWVECRGEGAIVFPGYPRGQYRNHFLHSFRFENGLIKEQRE
FMNPCEQFRSLGIEVPEVRRDGLPS
;
_entity_poly.pdbx_strand_id   A,B,C,D
#
# COMPACT_ATOMS: atom_id res chain seq x y z
N GLU A 32 -7.80 -24.27 20.35
CA GLU A 32 -6.69 -23.37 20.64
C GLU A 32 -7.15 -21.92 20.57
N ASN A 33 -7.89 -21.59 19.51
CA ASN A 33 -8.39 -20.22 19.37
C ASN A 33 -9.36 -19.88 20.50
N ARG A 34 -10.22 -20.82 20.87
CA ARG A 34 -11.15 -20.59 21.97
C ARG A 34 -10.39 -20.28 23.26
N ALA A 35 -9.32 -21.03 23.53
CA ALA A 35 -8.51 -20.78 24.71
C ALA A 35 -7.80 -19.44 24.62
N GLN A 36 -7.29 -19.10 23.43
CA GLN A 36 -6.65 -17.80 23.28
C GLN A 36 -7.65 -16.67 23.47
N VAL A 37 -8.84 -16.81 22.90
CA VAL A 37 -9.88 -15.79 23.06
C VAL A 37 -10.23 -15.62 24.52
N ALA A 38 -10.42 -16.74 25.23
CA ALA A 38 -10.76 -16.69 26.64
C ALA A 38 -9.69 -15.98 27.44
N ALA A 39 -8.43 -16.34 27.18
CA ALA A 39 -7.33 -15.70 27.89
C ALA A 39 -7.30 -14.20 27.63
N ARG A 40 -7.47 -13.79 26.38
CA ARG A 40 -7.38 -12.37 26.07
C ARG A 40 -8.50 -11.60 26.77
N GLN A 41 -9.73 -12.12 26.76
CA GLN A 41 -10.84 -11.41 27.37
C GLN A 41 -10.62 -11.26 28.87
N HIS A 42 -10.14 -12.31 29.52
CA HIS A 42 -9.91 -12.23 30.95
C HIS A 42 -8.76 -11.28 31.24
N ASN A 43 -7.66 -11.42 30.49
CA ASN A 43 -6.50 -10.58 30.75
C ASN A 43 -6.84 -9.12 30.56
N ARG A 44 -7.68 -8.80 29.58
CA ARG A 44 -8.06 -7.43 29.37
C ARG A 44 -8.74 -6.85 30.60
N LYS A 45 -9.57 -7.65 31.27
CA LYS A 45 -10.23 -7.16 32.47
C LYS A 45 -9.21 -6.83 33.55
N ILE A 46 -8.15 -7.63 33.65
CA ILE A 46 -7.10 -7.35 34.62
C ILE A 46 -6.37 -6.06 34.27
N VAL A 47 -6.08 -5.85 32.99
CA VAL A 47 -5.42 -4.61 32.58
C VAL A 47 -6.31 -3.42 32.91
N GLU A 48 -7.59 -3.52 32.58
CA GLU A 48 -8.54 -2.47 32.94
C GLU A 48 -8.49 -2.20 34.43
N GLN A 49 -8.56 -3.25 35.23
CA GLN A 49 -8.57 -3.07 36.67
C GLN A 49 -7.29 -2.39 37.13
N TYR A 50 -6.14 -2.86 36.63
CA TYR A 50 -4.87 -2.27 37.02
C TYR A 50 -4.87 -0.78 36.70
N MET A 51 -5.25 -0.43 35.48
CA MET A 51 -5.16 0.96 35.06
C MET A 51 -6.10 1.84 35.82
N HIS A 52 -7.16 1.27 36.38
CA HIS A 52 -8.14 2.03 37.14
C HIS A 52 -7.96 1.90 38.64
N THR A 53 -6.87 1.30 39.08
CA THR A 53 -6.61 1.17 40.51
C THR A 53 -6.07 2.48 41.05
N ARG A 54 -6.82 3.07 41.99
CA ARG A 54 -6.51 4.38 42.54
C ARG A 54 -6.74 4.33 44.05
N GLY A 55 -6.12 5.29 44.75
CA GLY A 55 -6.36 5.43 46.16
C GLY A 55 -5.96 4.20 46.94
N GLU A 56 -6.72 3.88 47.98
CA GLU A 56 -6.34 2.79 48.87
C GLU A 56 -6.33 1.45 48.15
N ALA A 57 -7.08 1.31 47.07
CA ALA A 57 -7.04 0.08 46.28
C ALA A 57 -5.64 -0.22 45.77
N ARG A 58 -4.80 0.80 45.66
CA ARG A 58 -3.42 0.57 45.25
C ARG A 58 -2.69 -0.37 46.20
N LEU A 59 -3.12 -0.45 47.46
CA LEU A 59 -2.47 -1.35 48.40
C LEU A 59 -2.68 -2.81 48.06
N LYS A 60 -3.65 -3.12 47.19
CA LYS A 60 -3.93 -4.49 46.81
C LYS A 60 -3.71 -4.74 45.33
N ARG A 61 -3.15 -3.77 44.61
CA ARG A 61 -2.91 -3.95 43.19
C ARG A 61 -1.99 -5.12 42.92
N HIS A 62 -1.09 -5.42 43.86
CA HIS A 62 -0.14 -6.51 43.67
C HIS A 62 -0.84 -7.86 43.55
N LEU A 63 -2.08 -7.96 44.01
CA LEU A 63 -2.80 -9.22 43.88
C LEU A 63 -3.18 -9.51 42.45
N LEU A 64 -2.99 -8.56 41.54
CA LEU A 64 -3.20 -8.83 40.13
C LEU A 64 -2.00 -9.49 39.47
N PHE A 65 -0.94 -9.76 40.23
CA PHE A 65 0.28 -10.35 39.72
C PHE A 65 0.41 -11.80 40.14
N THR A 66 1.14 -12.56 39.33
CA THR A 66 1.60 -13.87 39.76
C THR A 66 2.51 -13.69 40.97
N GLU A 67 2.74 -14.79 41.68
CA GLU A 67 3.56 -14.70 42.89
C GLU A 67 4.94 -14.16 42.56
N ASP A 68 5.49 -14.54 41.42
CA ASP A 68 6.81 -14.08 40.99
C ASP A 68 6.72 -12.91 40.02
N GLY A 69 5.56 -12.26 39.95
CA GLY A 69 5.38 -11.20 38.99
C GLY A 69 6.29 -10.02 39.25
N VAL A 70 6.58 -9.26 38.20
CA VAL A 70 7.49 -8.14 38.23
C VAL A 70 6.74 -6.93 37.70
N GLY A 71 6.90 -5.80 38.35
CA GLY A 71 6.37 -4.56 37.84
C GLY A 71 7.35 -3.44 38.11
N GLY A 72 7.36 -2.46 37.23
CA GLY A 72 8.19 -1.31 37.53
C GLY A 72 8.36 -0.35 36.38
N LEU A 73 9.29 0.56 36.59
CA LEU A 73 9.54 1.68 35.71
C LEU A 73 10.77 1.37 34.88
N TRP A 74 10.59 1.31 33.56
CA TRP A 74 11.69 0.90 32.70
C TRP A 74 12.54 2.05 32.24
N THR A 75 12.09 3.29 32.39
CA THR A 75 12.77 4.46 31.87
C THR A 75 13.13 5.37 33.03
N THR A 76 14.42 5.40 33.36
CA THR A 76 14.91 6.19 34.48
C THR A 76 16.19 6.89 34.08
N ASP A 77 16.69 7.75 34.97
CA ASP A 77 17.89 8.50 34.64
C ASP A 77 19.09 7.58 34.43
N SER A 78 19.10 6.41 35.08
CA SER A 78 20.27 5.56 35.00
C SER A 78 20.33 4.75 33.72
N GLY A 79 19.21 4.64 33.01
CA GLY A 79 19.13 3.75 31.88
C GLY A 79 18.75 2.33 32.24
N GLN A 80 18.67 2.01 33.53
CA GLN A 80 18.24 0.71 33.99
C GLN A 80 16.83 0.76 34.55
N PRO A 81 16.06 -0.31 34.42
CA PRO A 81 14.74 -0.32 35.05
C PRO A 81 14.86 -0.30 36.56
N ILE A 82 13.83 0.23 37.19
CA ILE A 82 13.60 0.05 38.62
C ILE A 82 12.43 -0.92 38.69
N ALA A 83 12.74 -2.19 38.91
CA ALA A 83 11.78 -3.26 38.84
C ALA A 83 11.55 -3.80 40.24
N ILE A 84 10.29 -4.01 40.57
CA ILE A 84 9.88 -4.58 41.84
C ILE A 84 9.55 -6.03 41.55
N ARG A 85 10.28 -6.94 42.20
CA ARG A 85 10.28 -8.35 41.83
C ARG A 85 9.54 -9.17 42.89
N GLY A 86 8.39 -9.70 42.50
CA GLY A 86 7.64 -10.60 43.32
C GLY A 86 6.41 -9.91 43.85
N ARG A 87 5.33 -10.67 43.94
CA ARG A 87 4.06 -10.11 44.40
CA ARG A 87 4.06 -10.11 44.40
C ARG A 87 4.21 -9.50 45.79
N GLU A 88 4.90 -10.17 46.70
CA GLU A 88 5.04 -9.64 48.05
C GLU A 88 5.76 -8.30 48.03
N LYS A 89 6.87 -8.20 47.28
CA LYS A 89 7.59 -6.94 47.19
C LYS A 89 6.75 -5.85 46.51
N LEU A 90 5.93 -6.23 45.53
CA LEU A 90 5.03 -5.26 44.92
C LEU A 90 4.04 -4.71 45.93
N GLY A 91 3.53 -5.57 46.81
CA GLY A 91 2.65 -5.09 47.85
C GLY A 91 3.35 -4.14 48.81
N GLU A 92 4.58 -4.47 49.18
CA GLU A 92 5.34 -3.56 50.03
C GLU A 92 5.61 -2.25 49.31
N HIS A 93 5.91 -2.32 48.02
CA HIS A 93 6.20 -1.10 47.29
C HIS A 93 4.99 -0.19 47.18
N ALA A 94 3.78 -0.74 47.19
CA ALA A 94 2.58 0.09 47.13
C ALA A 94 2.54 1.09 48.26
N VAL A 95 3.09 0.74 49.41
CA VAL A 95 3.16 1.69 50.52
C VAL A 95 3.97 2.91 50.12
N TRP A 96 5.14 2.69 49.55
CA TRP A 96 5.98 3.79 49.11
C TRP A 96 5.29 4.56 47.99
N SER A 97 4.71 3.84 47.04
CA SER A 97 3.99 4.47 45.94
C SER A 97 2.93 5.43 46.46
N LEU A 98 2.14 4.99 47.45
CA LEU A 98 1.10 5.84 47.98
C LEU A 98 1.65 7.02 48.76
N GLN A 99 2.85 6.92 49.28
CA GLN A 99 3.46 8.05 49.96
C GLN A 99 4.00 9.05 48.97
N CYS A 100 4.67 8.56 47.92
CA CYS A 100 5.37 9.46 47.02
C CYS A 100 4.50 9.96 45.88
N PHE A 101 3.43 9.23 45.55
CA PHE A 101 2.46 9.66 44.55
C PHE A 101 1.07 9.50 45.18
N PRO A 102 0.73 10.37 46.12
CA PRO A 102 -0.41 10.07 47.00
C PRO A 102 -1.76 10.10 46.31
N ASP A 103 -1.91 10.81 45.18
CA ASP A 103 -3.19 10.93 44.51
C ASP A 103 -3.12 10.50 43.05
N TRP A 104 -2.13 9.68 42.70
CA TRP A 104 -1.85 9.36 41.31
C TRP A 104 -3.05 8.76 40.60
N VAL A 105 -3.31 9.25 39.40
CA VAL A 105 -4.29 8.66 38.51
C VAL A 105 -3.70 8.49 37.13
N TRP A 106 -4.12 7.41 36.47
CA TRP A 106 -3.92 7.25 35.04
C TRP A 106 -5.14 7.75 34.31
N THR A 107 -4.90 8.46 33.21
CA THR A 107 -5.95 9.09 32.44
C THR A 107 -5.72 8.76 30.97
N ASP A 108 -6.67 9.12 30.14
CA ASP A 108 -6.54 8.94 28.70
C ASP A 108 -6.14 7.51 28.36
N ILE A 109 -6.78 6.56 29.04
CA ILE A 109 -6.35 5.18 28.97
C ILE A 109 -6.85 4.56 27.68
N GLN A 110 -5.92 4.01 26.89
CA GLN A 110 -6.23 3.27 25.69
C GLN A 110 -5.54 1.93 25.79
N ILE A 111 -6.32 0.86 25.84
CA ILE A 111 -5.80 -0.48 26.03
C ILE A 111 -5.75 -1.16 24.67
N PHE A 112 -4.59 -1.73 24.36
CA PHE A 112 -4.37 -2.43 23.11
C PHE A 112 -4.18 -3.91 23.41
N GLU A 113 -5.13 -4.71 22.95
CA GLU A 113 -4.91 -6.13 22.85
C GLU A 113 -3.91 -6.37 21.73
N THR A 114 -3.32 -7.56 21.71
CA THR A 114 -2.41 -7.89 20.63
C THR A 114 -2.69 -9.30 20.15
N GLN A 115 -1.91 -9.73 19.15
CA GLN A 115 -2.07 -11.10 18.67
C GLN A 115 -1.65 -12.11 19.73
N ASP A 116 -0.90 -11.69 20.74
CA ASP A 116 -0.55 -12.54 21.86
C ASP A 116 -1.62 -12.30 22.91
N PRO A 117 -2.47 -13.29 23.22
CA PRO A 117 -3.54 -13.04 24.20
C PRO A 117 -3.02 -12.71 25.57
N ASN A 118 -1.74 -12.96 25.82
CA ASN A 118 -1.10 -12.68 27.09
C ASN A 118 -0.23 -11.44 27.07
N TRP A 119 -0.36 -10.59 26.06
CA TRP A 119 0.45 -9.37 25.99
C TRP A 119 -0.44 -8.22 25.55
N PHE A 120 -0.48 -7.19 26.40
CA PHE A 120 -1.24 -5.98 26.14
C PHE A 120 -0.31 -4.79 26.27
N TRP A 121 -0.65 -3.74 25.54
CA TRP A 121 -0.01 -2.44 25.66
C TRP A 121 -1.07 -1.43 26.03
N VAL A 122 -0.68 -0.43 26.80
CA VAL A 122 -1.59 0.64 27.17
C VAL A 122 -0.90 1.95 26.92
N GLU A 123 -1.58 2.85 26.22
CA GLU A 123 -1.13 4.23 26.12
C GLU A 123 -2.01 5.06 27.05
N CYS A 124 -1.40 5.93 27.82
CA CYS A 124 -2.18 6.74 28.73
C CYS A 124 -1.35 7.94 29.15
N ARG A 125 -1.94 8.77 29.99
CA ARG A 125 -1.20 9.76 30.74
C ARG A 125 -1.35 9.42 32.22
N GLY A 126 -0.51 10.03 33.04
CA GLY A 126 -0.66 9.93 34.48
C GLY A 126 -0.36 11.26 35.11
N GLU A 127 -0.97 11.49 36.26
CA GLU A 127 -0.72 12.76 36.92
C GLU A 127 -1.01 12.64 38.40
N GLY A 128 -0.33 13.50 39.14
CA GLY A 128 -0.58 13.60 40.56
C GLY A 128 0.55 14.34 41.22
N ALA A 129 0.36 14.59 42.51
CA ALA A 129 1.43 15.16 43.30
C ALA A 129 2.61 14.20 43.30
N ILE A 130 3.81 14.76 43.33
CA ILE A 130 5.02 13.98 43.54
C ILE A 130 5.67 14.46 44.82
N VAL A 131 5.89 13.52 45.74
CA VAL A 131 6.40 13.80 47.07
C VAL A 131 7.62 12.92 47.27
N PHE A 132 8.69 13.23 46.58
CA PHE A 132 9.90 12.44 46.68
C PHE A 132 10.75 12.96 47.83
N PRO A 133 11.38 12.05 48.57
CA PRO A 133 12.17 12.48 49.72
C PRO A 133 13.26 13.46 49.31
N GLY A 134 13.33 14.57 50.02
CA GLY A 134 14.39 15.53 49.78
C GLY A 134 14.17 16.43 48.59
N TYR A 135 13.04 16.33 47.92
CA TYR A 135 12.71 17.22 46.83
C TYR A 135 11.47 18.02 47.18
N PRO A 136 11.32 19.22 46.66
CA PRO A 136 10.10 19.97 46.96
C PRO A 136 8.89 19.22 46.43
N ARG A 137 7.80 19.32 47.15
CA ARG A 137 6.55 18.74 46.67
C ARG A 137 6.22 19.36 45.33
N GLY A 138 5.84 18.52 44.37
CA GLY A 138 5.59 18.98 43.03
C GLY A 138 4.32 18.37 42.46
N GLN A 139 4.05 18.74 41.22
CA GLN A 139 2.97 18.17 40.44
C GLN A 139 3.61 17.52 39.24
N TYR A 140 3.39 16.23 39.08
CA TYR A 140 4.01 15.43 38.02
C TYR A 140 2.93 14.99 37.04
N ARG A 141 3.15 15.26 35.76
CA ARG A 141 2.28 14.80 34.69
C ARG A 141 3.16 14.20 33.63
N ASN A 142 2.76 13.08 33.06
CA ASN A 142 3.56 12.51 32.00
C ASN A 142 2.72 11.62 31.12
N HIS A 143 3.26 11.35 29.95
CA HIS A 143 2.70 10.37 29.04
C HIS A 143 3.37 9.04 29.33
N PHE A 144 2.61 7.96 29.28
CA PHE A 144 3.12 6.64 29.60
C PHE A 144 2.68 5.62 28.58
N LEU A 145 3.54 4.64 28.37
CA LEU A 145 3.17 3.37 27.76
C LEU A 145 3.39 2.30 28.79
N HIS A 146 2.44 1.39 28.90
CA HIS A 146 2.59 0.23 29.76
C HIS A 146 2.56 -1.04 28.92
N SER A 147 3.36 -1.99 29.33
CA SER A 147 3.36 -3.34 28.80
C SER A 147 2.89 -4.27 29.90
N PHE A 148 1.95 -5.15 29.58
CA PHE A 148 1.44 -6.16 30.50
C PHE A 148 1.58 -7.51 29.85
N ARG A 149 2.33 -8.39 30.46
CA ARG A 149 2.43 -9.78 30.03
C ARG A 149 1.85 -10.65 31.12
N PHE A 150 1.04 -11.62 30.71
CA PHE A 150 0.25 -12.45 31.60
C PHE A 150 0.74 -13.88 31.61
N GLU A 151 0.51 -14.54 32.73
CA GLU A 151 0.71 -15.97 32.86
C GLU A 151 -0.41 -16.48 33.75
N ASN A 152 -1.15 -17.47 33.25
CA ASN A 152 -2.20 -18.09 34.05
C ASN A 152 -3.16 -17.05 34.63
N GLY A 153 -3.46 -16.04 33.84
CA GLY A 153 -4.54 -15.14 34.17
C GLY A 153 -4.17 -14.00 35.09
N LEU A 154 -2.90 -13.86 35.46
CA LEU A 154 -2.45 -12.75 36.27
C LEU A 154 -1.22 -12.14 35.60
N ILE A 155 -0.84 -10.96 36.08
CA ILE A 155 0.25 -10.23 35.46
C ILE A 155 1.57 -10.87 35.87
N LYS A 156 2.34 -11.31 34.89
CA LYS A 156 3.69 -11.79 35.10
C LYS A 156 4.70 -10.65 35.01
N GLU A 157 4.48 -9.69 34.11
CA GLU A 157 5.41 -8.58 33.96
C GLU A 157 4.65 -7.34 33.53
N GLN A 158 4.74 -6.30 34.34
CA GLN A 158 4.26 -4.98 34.02
C GLN A 158 5.47 -4.08 33.89
N ARG A 159 5.49 -3.27 32.84
CA ARG A 159 6.55 -2.32 32.64
C ARG A 159 5.92 -1.01 32.19
N GLU A 160 6.39 0.09 32.74
CA GLU A 160 5.93 1.40 32.29
C GLU A 160 7.10 2.21 31.77
N PHE A 161 6.82 2.96 30.72
CA PHE A 161 7.81 3.69 29.95
C PHE A 161 7.33 5.13 29.82
N MET A 162 8.21 6.05 30.14
CA MET A 162 7.90 7.47 30.01
C MET A 162 9.16 8.22 29.64
N ASN A 163 9.02 9.53 29.50
CA ASN A 163 10.14 10.42 29.30
C ASN A 163 10.57 10.95 30.66
N PRO A 164 11.71 10.52 31.20
CA PRO A 164 12.10 10.98 32.54
C PRO A 164 12.28 12.47 32.64
N CYS A 165 12.50 13.16 31.52
CA CYS A 165 12.68 14.59 31.60
C CYS A 165 11.49 15.28 32.25
N GLU A 166 10.29 14.76 32.05
CA GLU A 166 9.11 15.38 32.66
C GLU A 166 9.11 15.14 34.16
N GLN A 167 9.61 13.99 34.61
CA GLN A 167 9.71 13.78 36.04
C GLN A 167 10.81 14.66 36.63
N PHE A 168 11.92 14.83 35.92
CA PHE A 168 12.92 15.79 36.38
C PHE A 168 12.26 17.15 36.60
N ARG A 169 11.49 17.62 35.62
CA ARG A 169 10.86 18.93 35.76
C ARG A 169 9.98 18.98 36.99
N SER A 170 9.22 17.92 37.25
CA SER A 170 8.33 17.93 38.39
C SER A 170 9.09 18.00 39.70
N LEU A 171 10.35 17.57 39.71
CA LEU A 171 11.18 17.57 40.90
C LEU A 171 12.08 18.79 40.97
N GLY A 172 11.96 19.72 40.04
CA GLY A 172 12.82 20.89 40.00
C GLY A 172 14.22 20.60 39.54
N ILE A 173 14.45 19.45 38.92
CA ILE A 173 15.77 19.06 38.43
C ILE A 173 15.93 19.62 37.03
N GLU A 174 17.05 20.30 36.79
CA GLU A 174 17.28 20.91 35.50
CA GLU A 174 17.27 20.91 35.49
C GLU A 174 17.44 19.83 34.42
N VAL A 175 16.75 20.03 33.30
CA VAL A 175 16.81 19.09 32.18
C VAL A 175 17.85 19.61 31.19
N PRO A 176 18.81 18.81 30.76
CA PRO A 176 19.73 19.30 29.74
C PRO A 176 19.00 19.50 28.44
N GLU A 177 19.56 20.37 27.61
CA GLU A 177 18.95 20.70 26.33
C GLU A 177 19.96 20.36 25.24
N VAL A 178 19.53 19.54 24.29
CA VAL A 178 20.33 19.29 23.11
C VAL A 178 20.29 20.54 22.25
N ARG A 179 21.44 21.08 21.91
CA ARG A 179 21.51 22.25 21.06
C ARG A 179 21.03 21.91 19.66
N ARG A 180 20.14 22.74 19.10
CA ARG A 180 19.47 22.39 17.86
C ARG A 180 19.89 23.23 16.68
N ASP A 181 20.94 24.03 16.83
CA ASP A 181 21.30 24.97 15.78
C ASP A 181 21.58 24.28 14.46
N GLY A 182 22.26 23.14 14.49
CA GLY A 182 22.51 22.42 13.26
C GLY A 182 21.53 21.29 12.99
N LEU A 183 20.38 21.28 13.68
CA LEU A 183 19.48 20.13 13.70
C LEU A 183 18.07 20.51 13.22
N PRO A 184 17.84 20.51 11.92
CA PRO A 184 16.55 21.01 11.41
C PRO A 184 15.45 19.96 11.46
N SER A 185 14.23 20.45 11.70
CA SER A 185 13.03 19.62 11.58
C SER A 185 11.98 20.40 10.81
N ASN B 33 -15.51 -7.36 8.25
CA ASN B 33 -14.55 -8.14 9.03
C ASN B 33 -13.43 -8.67 8.14
N ARG B 34 -13.80 -9.27 7.01
CA ARG B 34 -12.78 -9.63 6.02
C ARG B 34 -11.98 -8.40 5.61
N ALA B 35 -12.63 -7.24 5.53
CA ALA B 35 -11.93 -6.01 5.19
C ALA B 35 -10.97 -5.60 6.31
N GLN B 36 -11.42 -5.68 7.56
CA GLN B 36 -10.52 -5.37 8.67
C GLN B 36 -9.34 -6.33 8.69
N VAL B 37 -9.59 -7.61 8.48
CA VAL B 37 -8.51 -8.59 8.41
C VAL B 37 -7.54 -8.21 7.30
N ALA B 38 -8.06 -7.87 6.12
CA ALA B 38 -7.21 -7.49 5.01
C ALA B 38 -6.39 -6.25 5.36
N ALA B 39 -7.02 -5.24 5.96
CA ALA B 39 -6.30 -4.04 6.33
C ALA B 39 -5.19 -4.36 7.32
N ARG B 40 -5.49 -5.17 8.34
CA ARG B 40 -4.45 -5.49 9.31
C ARG B 40 -3.28 -6.21 8.67
N GLN B 41 -3.55 -7.18 7.79
CA GLN B 41 -2.46 -7.95 7.19
C GLN B 41 -1.58 -7.06 6.32
N HIS B 42 -2.20 -6.18 5.55
CA HIS B 42 -1.42 -5.28 4.73
C HIS B 42 -0.64 -4.29 5.59
N ASN B 43 -1.32 -3.70 6.57
CA ASN B 43 -0.65 -2.70 7.40
C ASN B 43 0.54 -3.31 8.10
N ARG B 44 0.41 -4.56 8.53
CA ARG B 44 1.51 -5.21 9.19
C ARG B 44 2.74 -5.28 8.28
N LYS B 45 2.52 -5.56 7.00
CA LYS B 45 3.64 -5.60 6.07
C LYS B 45 4.33 -4.24 5.98
N ILE B 46 3.54 -3.15 6.03
CA ILE B 46 4.12 -1.81 6.00
C ILE B 46 4.94 -1.55 7.26
N VAL B 47 4.43 -1.96 8.42
CA VAL B 47 5.21 -1.80 9.64
C VAL B 47 6.52 -2.57 9.53
N GLU B 48 6.45 -3.81 9.09
CA GLU B 48 7.66 -4.60 8.93
C GLU B 48 8.63 -3.89 7.99
N GLN B 49 8.12 -3.39 6.87
CA GLN B 49 9.00 -2.70 5.93
C GLN B 49 9.62 -1.48 6.58
N TYR B 50 8.81 -0.68 7.26
CA TYR B 50 9.34 0.52 7.91
C TYR B 50 10.45 0.15 8.88
N MET B 51 10.18 -0.83 9.74
CA MET B 51 11.13 -1.16 10.79
C MET B 51 12.42 -1.73 10.21
N HIS B 52 12.34 -2.35 9.05
CA HIS B 52 13.54 -2.91 8.45
C HIS B 52 14.23 -1.96 7.50
N THR B 53 13.72 -0.75 7.35
CA THR B 53 14.29 0.20 6.42
C THR B 53 15.58 0.75 7.01
N ARG B 54 16.66 0.60 6.27
CA ARG B 54 17.98 1.06 6.67
C ARG B 54 18.76 1.41 5.43
N GLY B 55 19.88 2.08 5.63
CA GLY B 55 20.72 2.42 4.52
C GLY B 55 20.02 3.37 3.57
N GLU B 56 20.36 3.24 2.29
CA GLU B 56 19.84 4.17 1.29
C GLU B 56 18.33 4.05 1.13
N ALA B 57 17.74 2.91 1.49
CA ALA B 57 16.28 2.78 1.46
C ALA B 57 15.62 3.81 2.34
N ARG B 58 16.33 4.34 3.33
CA ARG B 58 15.74 5.36 4.18
C ARG B 58 15.29 6.56 3.37
N LEU B 59 15.89 6.79 2.20
CA LEU B 59 15.51 7.94 1.40
C LEU B 59 14.12 7.81 0.82
N LYS B 60 13.53 6.62 0.85
CA LYS B 60 12.21 6.40 0.30
C LYS B 60 11.22 5.92 1.35
N ARG B 61 11.62 5.91 2.62
CA ARG B 61 10.71 5.45 3.68
C ARG B 61 9.47 6.32 3.75
N HIS B 62 9.59 7.59 3.39
CA HIS B 62 8.45 8.49 3.45
C HIS B 62 7.32 8.04 2.53
N LEU B 63 7.61 7.21 1.54
CA LEU B 63 6.56 6.78 0.64
C LEU B 63 5.61 5.80 1.32
N LEU B 64 5.93 5.36 2.52
CA LEU B 64 5.03 4.53 3.29
C LEU B 64 3.96 5.33 4.01
N PHE B 65 3.99 6.66 3.89
CA PHE B 65 3.06 7.54 4.57
C PHE B 65 2.00 8.07 3.62
N THR B 66 0.85 8.42 4.19
CA THR B 66 -0.13 9.23 3.49
C THR B 66 0.48 10.60 3.19
N GLU B 67 -0.14 11.33 2.27
CA GLU B 67 0.41 12.61 1.88
C GLU B 67 0.54 13.53 3.08
N ASP B 68 -0.41 13.45 4.02
CA ASP B 68 -0.42 14.29 5.20
C ASP B 68 0.10 13.54 6.42
N GLY B 69 0.78 12.42 6.20
CA GLY B 69 1.26 11.62 7.30
C GLY B 69 2.31 12.34 8.13
N VAL B 70 2.38 11.95 9.39
CA VAL B 70 3.29 12.54 10.37
C VAL B 70 4.14 11.43 10.93
N GLY B 71 5.43 11.71 11.11
CA GLY B 71 6.33 10.80 11.80
C GLY B 71 7.29 11.57 12.67
N GLY B 72 7.64 11.06 13.83
CA GLY B 72 8.65 11.74 14.60
C GLY B 72 8.89 11.13 15.95
N LEU B 73 9.69 11.87 16.71
CA LEU B 73 10.15 11.46 18.02
C LEU B 73 9.31 12.15 19.09
N TRP B 74 8.64 11.37 19.90
CA TRP B 74 7.71 11.93 20.86
C TRP B 74 8.34 12.25 22.20
N THR B 75 9.53 11.75 22.46
CA THR B 75 10.18 11.88 23.75
C THR B 75 11.48 12.63 23.57
N THR B 76 11.50 13.89 23.99
CA THR B 76 12.67 14.72 23.82
C THR B 76 12.91 15.50 25.11
N ASP B 77 14.03 16.22 25.15
CA ASP B 77 14.34 16.97 26.36
C ASP B 77 13.30 18.04 26.65
N SER B 78 12.64 18.56 25.62
CA SER B 78 11.73 19.66 25.84
C SER B 78 10.38 19.20 26.36
N GLY B 79 10.07 17.91 26.22
CA GLY B 79 8.75 17.42 26.52
C GLY B 79 7.77 17.51 25.36
N GLN B 80 8.16 18.14 24.25
CA GLN B 80 7.33 18.22 23.08
C GLN B 80 7.86 17.31 21.98
N PRO B 81 6.99 16.72 21.17
CA PRO B 81 7.49 15.92 20.06
C PRO B 81 8.27 16.75 19.07
N ILE B 82 9.17 16.10 18.39
CA ILE B 82 9.77 16.61 17.17
C ILE B 82 9.15 15.80 16.05
N ALA B 83 8.14 16.37 15.42
CA ALA B 83 7.32 15.68 14.46
C ALA B 83 7.53 16.29 13.09
N ILE B 84 7.66 15.44 12.10
CA ILE B 84 7.81 15.84 10.71
C ILE B 84 6.46 15.64 10.05
N ARG B 85 5.89 16.71 9.53
CA ARG B 85 4.49 16.71 9.10
C ARG B 85 4.40 16.76 7.60
N GLY B 86 3.92 15.67 7.01
CA GLY B 86 3.69 15.58 5.59
C GLY B 86 4.70 14.67 4.94
N ARG B 87 4.24 13.90 3.96
CA ARG B 87 5.10 12.96 3.27
C ARG B 87 6.28 13.67 2.62
N GLU B 88 6.04 14.82 1.99
CA GLU B 88 7.14 15.52 1.35
C GLU B 88 8.18 15.94 2.38
N LYS B 89 7.73 16.48 3.52
CA LYS B 89 8.67 16.87 4.56
C LYS B 89 9.39 15.67 5.14
N LEU B 90 8.69 14.54 5.28
CA LEU B 90 9.35 13.32 5.74
C LEU B 90 10.46 12.90 4.78
N GLY B 91 10.22 13.02 3.48
CA GLY B 91 11.27 12.70 2.53
C GLY B 91 12.44 13.66 2.62
N GLU B 92 12.16 14.94 2.84
CA GLU B 92 13.26 15.88 3.03
C GLU B 92 14.00 15.59 4.32
N HIS B 93 13.27 15.20 5.36
CA HIS B 93 13.94 14.95 6.61
C HIS B 93 14.84 13.71 6.53
N ALA B 94 14.56 12.79 5.63
CA ALA B 94 15.42 11.61 5.52
C ALA B 94 16.86 12.00 5.25
N VAL B 95 17.08 13.10 4.55
CA VAL B 95 18.44 13.57 4.32
C VAL B 95 19.11 13.88 5.65
N TRP B 96 18.42 14.60 6.52
CA TRP B 96 18.98 14.92 7.84
C TRP B 96 19.08 13.70 8.73
N SER B 97 18.12 12.79 8.64
CA SER B 97 18.19 11.54 9.37
C SER B 97 19.46 10.78 9.00
N LEU B 98 19.76 10.72 7.69
CA LEU B 98 20.95 10.00 7.24
C LEU B 98 22.23 10.74 7.62
N GLN B 99 22.16 12.05 7.79
CA GLN B 99 23.35 12.78 8.24
C GLN B 99 23.59 12.53 9.73
N CYS B 100 22.53 12.60 10.54
CA CYS B 100 22.70 12.57 11.98
C CYS B 100 22.81 11.16 12.51
N PHE B 101 22.20 10.20 11.82
CA PHE B 101 22.21 8.80 12.23
C PHE B 101 22.58 7.99 11.00
N PRO B 102 23.85 8.05 10.58
CA PRO B 102 24.19 7.57 9.22
C PRO B 102 24.03 6.08 9.01
N ASP B 103 24.01 5.28 10.05
CA ASP B 103 23.99 3.82 9.92
C ASP B 103 22.95 3.20 10.84
N TRP B 104 21.88 3.92 11.12
CA TRP B 104 20.92 3.47 12.10
C TRP B 104 20.27 2.16 11.68
N VAL B 105 20.13 1.26 12.66
CA VAL B 105 19.42 0.00 12.49
C VAL B 105 18.47 -0.19 13.64
N TRP B 106 17.25 -0.62 13.35
CA TRP B 106 16.33 -1.10 14.36
C TRP B 106 16.56 -2.59 14.54
N THR B 107 16.70 -3.04 15.78
CA THR B 107 16.97 -4.42 16.09
C THR B 107 15.91 -4.93 17.06
N ASP B 108 15.89 -6.24 17.27
CA ASP B 108 15.02 -6.84 18.27
C ASP B 108 13.57 -6.42 18.05
N ILE B 109 13.14 -6.44 16.80
CA ILE B 109 11.83 -5.90 16.45
C ILE B 109 10.75 -6.89 16.84
N GLN B 110 9.77 -6.44 17.62
N GLN B 110 9.78 -6.43 17.64
CA GLN B 110 8.57 -7.21 17.87
CA GLN B 110 8.56 -7.17 17.93
C GLN B 110 7.35 -6.36 17.55
C GLN B 110 7.38 -6.30 17.51
N ILE B 111 6.59 -6.79 16.56
CA ILE B 111 5.45 -6.05 16.07
C ILE B 111 4.20 -6.56 16.75
N PHE B 112 3.41 -5.65 17.27
CA PHE B 112 2.15 -5.96 17.91
C PHE B 112 1.01 -5.42 17.06
N GLU B 113 0.22 -6.33 16.49
CA GLU B 113 -1.08 -5.95 15.98
C GLU B 113 -1.98 -5.66 17.17
N THR B 114 -3.10 -4.98 16.91
CA THR B 114 -4.04 -4.67 17.96
C THR B 114 -5.46 -4.92 17.47
N GLN B 115 -6.43 -4.68 18.33
CA GLN B 115 -7.83 -4.80 17.92
C GLN B 115 -8.21 -3.78 16.87
N ASP B 116 -7.45 -2.70 16.73
CA ASP B 116 -7.66 -1.73 15.67
C ASP B 116 -6.78 -2.17 14.51
N PRO B 117 -7.35 -2.59 13.37
CA PRO B 117 -6.49 -3.05 12.28
C PRO B 117 -5.58 -1.97 11.75
N ASN B 118 -5.84 -0.72 12.09
CA ASN B 118 -5.06 0.41 11.65
C ASN B 118 -4.11 0.95 12.72
N TRP B 119 -3.89 0.20 13.80
CA TRP B 119 -3.00 0.66 14.87
C TRP B 119 -2.10 -0.50 15.29
N PHE B 120 -0.80 -0.26 15.22
CA PHE B 120 0.21 -1.21 15.59
C PHE B 120 1.16 -0.56 16.57
N TRP B 121 1.74 -1.39 17.43
CA TRP B 121 2.84 -0.99 18.29
C TRP B 121 4.02 -1.88 18.01
N VAL B 122 5.21 -1.34 18.20
CA VAL B 122 6.44 -2.07 18.00
C VAL B 122 7.33 -1.83 19.20
N GLU B 123 7.88 -2.90 19.75
CA GLU B 123 8.95 -2.80 20.73
C GLU B 123 10.23 -3.23 20.03
N CYS B 124 11.29 -2.45 20.19
CA CYS B 124 12.53 -2.77 19.53
C CYS B 124 13.66 -2.04 20.22
N ARG B 125 14.85 -2.23 19.71
CA ARG B 125 15.99 -1.39 20.05
C ARG B 125 16.46 -0.71 18.77
N GLY B 126 17.30 0.27 18.94
CA GLY B 126 17.92 0.94 17.82
C GLY B 126 19.35 1.25 18.15
N GLU B 127 20.19 1.29 17.13
CA GLU B 127 21.60 1.55 17.35
C GLU B 127 22.23 2.18 16.12
N GLY B 128 23.19 3.04 16.36
CA GLY B 128 23.95 3.62 15.28
C GLY B 128 24.82 4.73 15.80
N ALA B 129 25.71 5.18 14.94
CA ALA B 129 26.44 6.39 15.24
C ALA B 129 25.47 7.54 15.37
N ILE B 130 25.79 8.47 16.25
CA ILE B 130 25.05 9.71 16.36
C ILE B 130 26.02 10.84 16.02
N VAL B 131 25.65 11.64 15.05
CA VAL B 131 26.50 12.69 14.51
C VAL B 131 25.69 13.97 14.54
N PHE B 132 25.55 14.53 15.72
CA PHE B 132 24.80 15.76 15.88
C PHE B 132 25.76 16.95 15.76
N PRO B 133 25.38 17.98 15.03
CA PRO B 133 26.29 19.12 14.85
C PRO B 133 26.70 19.72 16.17
N GLY B 134 28.01 19.94 16.31
CA GLY B 134 28.54 20.57 17.50
C GLY B 134 28.69 19.64 18.68
N TYR B 135 28.44 18.35 18.51
CA TYR B 135 28.70 17.34 19.52
C TYR B 135 29.72 16.36 19.00
N PRO B 136 30.49 15.71 19.88
CA PRO B 136 31.40 14.68 19.40
C PRO B 136 30.59 13.54 18.79
N ARG B 137 31.12 12.95 17.73
CA ARG B 137 30.52 11.73 17.20
C ARG B 137 30.42 10.70 18.33
N GLY B 138 29.27 10.04 18.43
CA GLY B 138 29.03 9.07 19.46
C GLY B 138 28.43 7.79 18.90
N GLN B 139 28.25 6.83 19.78
CA GLN B 139 27.54 5.61 19.48
C GLN B 139 26.29 5.62 20.34
N TYR B 140 25.14 5.54 19.71
CA TYR B 140 23.86 5.67 20.38
C TYR B 140 23.14 4.33 20.32
N ARG B 141 22.70 3.86 21.47
CA ARG B 141 21.87 2.69 21.59
C ARG B 141 20.68 3.07 22.46
N ASN B 142 19.50 2.58 22.11
CA ASN B 142 18.37 2.83 22.98
C ASN B 142 17.29 1.80 22.73
N HIS B 143 16.43 1.66 23.71
CA HIS B 143 15.19 0.93 23.58
C HIS B 143 14.12 1.87 23.08
N PHE B 144 13.26 1.37 22.20
CA PHE B 144 12.21 2.18 21.63
C PHE B 144 10.89 1.46 21.59
N LEU B 145 9.83 2.25 21.68
CA LEU B 145 8.49 1.82 21.31
C LEU B 145 8.05 2.69 20.15
N HIS B 146 7.43 2.09 19.15
CA HIS B 146 6.84 2.83 18.05
C HIS B 146 5.34 2.60 18.02
N SER B 147 4.62 3.64 17.66
CA SER B 147 3.20 3.58 17.35
C SER B 147 3.02 3.87 15.87
N PHE B 148 2.23 3.03 15.20
CA PHE B 148 1.90 3.24 13.79
C PHE B 148 0.39 3.23 13.64
N ARG B 149 -0.16 4.33 13.15
CA ARG B 149 -1.56 4.44 12.82
C ARG B 149 -1.69 4.63 11.33
N PHE B 150 -2.61 3.88 10.72
CA PHE B 150 -2.77 3.79 9.29
C PHE B 150 -4.06 4.43 8.83
N GLU B 151 -4.01 4.90 7.60
CA GLU B 151 -5.20 5.33 6.88
C GLU B 151 -5.06 4.89 5.44
N ASN B 152 -6.04 4.13 4.96
CA ASN B 152 -6.07 3.70 3.56
C ASN B 152 -4.75 3.03 3.16
N GLY B 153 -4.23 2.20 4.05
CA GLY B 153 -3.11 1.35 3.68
C GLY B 153 -1.74 2.00 3.78
N LEU B 154 -1.65 3.24 4.24
CA LEU B 154 -0.36 3.89 4.46
C LEU B 154 -0.33 4.46 5.86
N ILE B 155 0.86 4.85 6.30
CA ILE B 155 1.03 5.36 7.65
C ILE B 155 0.51 6.79 7.70
N LYS B 156 -0.43 7.03 8.60
CA LYS B 156 -0.92 8.36 8.91
C LYS B 156 -0.14 9.00 10.03
N GLU B 157 0.28 8.20 11.01
CA GLU B 157 1.03 8.74 12.13
C GLU B 157 1.98 7.68 12.65
N GLN B 158 3.26 8.01 12.66
CA GLN B 158 4.30 7.20 13.27
C GLN B 158 4.87 8.02 14.42
N ARG B 159 5.02 7.39 15.58
CA ARG B 159 5.59 8.04 16.73
C ARG B 159 6.58 7.07 17.36
N GLU B 160 7.74 7.57 17.76
CA GLU B 160 8.69 6.74 18.48
C GLU B 160 8.95 7.34 19.85
N PHE B 161 9.14 6.45 20.80
CA PHE B 161 9.24 6.80 22.21
C PHE B 161 10.47 6.11 22.78
N MET B 162 11.29 6.87 23.48
CA MET B 162 12.48 6.32 24.11
C MET B 162 12.76 7.10 25.38
N ASN B 163 13.81 6.69 26.07
CA ASN B 163 14.32 7.40 27.22
C ASN B 163 15.39 8.36 26.74
N PRO B 164 15.16 9.68 26.72
CA PRO B 164 16.18 10.58 26.19
C PRO B 164 17.48 10.55 26.96
N CYS B 165 17.48 10.07 28.21
CA CYS B 165 18.73 10.05 28.95
C CYS B 165 19.80 9.26 28.24
N GLU B 166 19.42 8.18 27.54
CA GLU B 166 20.43 7.41 26.82
C GLU B 166 20.98 8.19 25.65
N GLN B 167 20.15 9.03 25.01
CA GLN B 167 20.66 9.86 23.93
C GLN B 167 21.56 10.95 24.48
N PHE B 168 21.22 11.52 25.64
CA PHE B 168 22.13 12.45 26.27
C PHE B 168 23.49 11.80 26.47
N ARG B 169 23.50 10.56 27.00
CA ARG B 169 24.78 9.90 27.23
C ARG B 169 25.57 9.77 25.95
N SER B 170 24.90 9.41 24.84
CA SER B 170 25.61 9.20 23.58
C SER B 170 26.24 10.48 23.08
N LEU B 171 25.70 11.63 23.50
CA LEU B 171 26.16 12.95 23.10
C LEU B 171 27.13 13.55 24.10
N GLY B 172 27.47 12.83 25.16
CA GLY B 172 28.34 13.38 26.18
C GLY B 172 27.67 14.39 27.07
N ILE B 173 26.35 14.45 27.06
CA ILE B 173 25.59 15.38 27.88
C ILE B 173 25.34 14.75 29.24
N GLU B 174 25.61 15.51 30.31
CA GLU B 174 25.44 14.98 31.65
C GLU B 174 23.97 14.74 31.95
N VAL B 175 23.67 13.58 32.51
CA VAL B 175 22.30 13.20 32.85
C VAL B 175 22.09 13.50 34.33
N PRO B 176 21.03 14.21 34.70
CA PRO B 176 20.80 14.42 36.14
C PRO B 176 20.41 13.12 36.79
N GLU B 177 20.67 13.03 38.09
CA GLU B 177 20.41 11.84 38.86
C GLU B 177 19.43 12.20 39.96
N VAL B 178 18.30 11.50 40.00
CA VAL B 178 17.40 11.64 41.12
C VAL B 178 18.06 10.97 42.32
N ARG B 179 18.18 11.72 43.41
CA ARG B 179 18.77 11.17 44.63
C ARG B 179 17.85 10.10 45.20
N ARG B 180 18.43 8.96 45.55
N ARG B 180 18.42 8.94 45.54
CA ARG B 180 17.67 7.79 45.95
CA ARG B 180 17.61 7.81 45.95
C ARG B 180 17.79 7.45 47.42
C ARG B 180 17.82 7.42 47.41
N ASP B 181 18.51 8.26 48.18
CA ASP B 181 18.77 7.90 49.57
C ASP B 181 17.47 7.68 50.34
N GLY B 182 16.50 8.52 50.11
CA GLY B 182 15.27 8.44 50.87
C GLY B 182 14.28 7.46 50.32
N LEU B 183 14.55 6.95 49.10
N LEU B 183 14.58 6.88 49.16
CA LEU B 183 13.68 6.11 48.31
CA LEU B 183 13.67 5.91 48.57
C LEU B 183 14.10 4.65 48.46
C LEU B 183 13.96 4.52 49.10
N PRO B 184 13.13 3.71 48.45
N PRO B 184 12.98 3.64 49.11
CA PRO B 184 13.50 2.29 48.42
CA PRO B 184 13.24 2.25 49.50
C PRO B 184 12.87 1.56 47.24
C PRO B 184 14.24 1.61 48.56
N SER B 185 13.58 0.57 46.70
N SER B 185 15.15 0.81 49.11
CA SER B 185 12.99 -0.32 45.70
CA SER B 185 16.12 0.08 48.31
C SER B 185 13.49 -1.73 45.97
C SER B 185 16.90 -0.91 49.17
N GLU C 32 -22.23 -32.49 -30.81
CA GLU C 32 -21.01 -31.73 -30.52
C GLU C 32 -21.26 -30.23 -30.68
N ASN C 33 -21.77 -29.85 -31.86
CA ASN C 33 -22.17 -28.47 -32.05
C ASN C 33 -23.20 -28.05 -31.00
N ARG C 34 -24.12 -28.95 -30.65
CA ARG C 34 -25.10 -28.64 -29.61
C ARG C 34 -24.41 -28.33 -28.29
N ALA C 35 -23.38 -29.11 -27.94
CA ALA C 35 -22.66 -28.87 -26.69
C ALA C 35 -21.85 -27.59 -26.76
N GLN C 36 -21.22 -27.32 -27.89
CA GLN C 36 -20.51 -26.06 -28.04
C GLN C 36 -21.47 -24.89 -28.00
N VAL C 37 -22.63 -25.02 -28.64
CA VAL C 37 -23.63 -23.97 -28.62
C VAL C 37 -24.09 -23.73 -27.18
N ALA C 38 -24.34 -24.80 -26.44
CA ALA C 38 -24.78 -24.66 -25.06
C ALA C 38 -23.72 -23.98 -24.21
N ALA C 39 -22.45 -24.38 -24.37
CA ALA C 39 -21.37 -23.76 -23.61
C ALA C 39 -21.29 -22.28 -23.92
N ARG C 40 -21.33 -21.91 -25.19
CA ARG C 40 -21.26 -20.49 -25.51
C ARG C 40 -22.41 -19.72 -24.89
N GLN C 41 -23.62 -20.27 -24.95
CA GLN C 41 -24.77 -19.55 -24.41
C GLN C 41 -24.63 -19.37 -22.91
N HIS C 42 -24.18 -20.41 -22.22
CA HIS C 42 -24.02 -20.28 -20.78
C HIS C 42 -22.88 -19.33 -20.46
N ASN C 43 -21.76 -19.49 -21.14
CA ASN C 43 -20.62 -18.63 -20.85
C ASN C 43 -20.98 -17.17 -21.07
N ARG C 44 -21.78 -16.89 -22.11
CA ARG C 44 -22.18 -15.52 -22.34
C ARG C 44 -22.94 -14.95 -21.16
N LYS C 45 -23.77 -15.77 -20.51
CA LYS C 45 -24.48 -15.28 -19.33
C LYS C 45 -23.50 -14.94 -18.22
N ILE C 46 -22.42 -15.72 -18.09
CA ILE C 46 -21.43 -15.41 -17.07
C ILE C 46 -20.72 -14.11 -17.38
N VAL C 47 -20.37 -13.90 -18.66
CA VAL C 47 -19.74 -12.64 -19.04
C VAL C 47 -20.66 -11.47 -18.72
N GLU C 48 -21.94 -11.60 -19.10
CA GLU C 48 -22.89 -10.56 -18.79
C GLU C 48 -22.93 -10.29 -17.30
N GLN C 49 -23.01 -11.37 -16.51
CA GLN C 49 -23.07 -11.17 -15.07
C GLN C 49 -21.82 -10.48 -14.57
N TYR C 50 -20.66 -10.91 -15.03
CA TYR C 50 -19.42 -10.27 -14.59
C TYR C 50 -19.44 -8.79 -14.92
N MET C 51 -19.78 -8.45 -16.16
CA MET C 51 -19.72 -7.06 -16.58
C MET C 51 -20.73 -6.20 -15.85
N HIS C 52 -21.79 -6.81 -15.32
CA HIS C 52 -22.81 -6.08 -14.58
C HIS C 52 -22.66 -6.19 -13.09
N THR C 53 -21.56 -6.76 -12.62
CA THR C 53 -21.36 -6.90 -11.18
C THR C 53 -20.88 -5.57 -10.61
N ARG C 54 -21.68 -5.02 -9.70
CA ARG C 54 -21.42 -3.71 -9.13
C ARG C 54 -21.70 -3.78 -7.64
N GLY C 55 -21.16 -2.80 -6.93
CA GLY C 55 -21.49 -2.67 -5.53
C GLY C 55 -21.04 -3.87 -4.72
N GLU C 56 -21.82 -4.19 -3.69
CA GLU C 56 -21.40 -5.27 -2.80
C GLU C 56 -21.34 -6.61 -3.50
N ALA C 57 -22.06 -6.77 -4.62
CA ALA C 57 -21.95 -8.00 -5.39
C ALA C 57 -20.52 -8.24 -5.86
N ARG C 58 -19.71 -7.20 -5.94
CA ARG C 58 -18.33 -7.40 -6.32
C ARG C 58 -17.58 -8.30 -5.34
N LEU C 59 -18.05 -8.38 -4.11
CA LEU C 59 -17.41 -9.25 -3.13
C LEU C 59 -17.57 -10.72 -3.47
N LYS C 60 -18.49 -11.07 -4.38
CA LYS C 60 -18.71 -12.45 -4.77
C LYS C 60 -18.44 -12.69 -6.25
N ARG C 61 -17.88 -11.71 -6.96
CA ARG C 61 -17.61 -11.89 -8.38
C ARG C 61 -16.63 -13.03 -8.61
N HIS C 62 -15.76 -13.30 -7.63
CA HIS C 62 -14.78 -14.36 -7.76
C HIS C 62 -15.41 -15.72 -7.91
N LEU C 63 -16.67 -15.87 -7.48
CA LEU C 63 -17.36 -17.15 -7.63
C LEU C 63 -17.69 -17.46 -9.08
N LEU C 64 -17.49 -16.51 -9.98
CA LEU C 64 -17.65 -16.78 -11.41
C LEU C 64 -16.41 -17.43 -12.02
N PHE C 65 -15.36 -17.65 -11.23
CA PHE C 65 -14.12 -18.21 -11.70
C PHE C 65 -13.97 -19.67 -11.26
N THR C 66 -13.16 -20.40 -12.04
CA THR C 66 -12.69 -21.68 -11.57
C THR C 66 -11.81 -21.48 -10.34
N GLU C 67 -11.58 -22.57 -9.60
CA GLU C 67 -10.78 -22.46 -8.37
C GLU C 67 -9.42 -21.87 -8.67
N ASP C 68 -8.83 -22.23 -9.80
CA ASP C 68 -7.51 -21.75 -10.20
C ASP C 68 -7.60 -20.60 -11.20
N GLY C 69 -8.77 -19.98 -11.31
CA GLY C 69 -8.94 -18.92 -12.27
C GLY C 69 -8.07 -17.72 -11.96
N VAL C 70 -7.78 -16.97 -13.00
CA VAL C 70 -6.92 -15.79 -12.95
C VAL C 70 -7.70 -14.61 -13.51
N GLY C 71 -7.59 -13.47 -12.86
CA GLY C 71 -8.15 -12.24 -13.39
C GLY C 71 -7.20 -11.09 -13.09
N GLY C 72 -7.17 -10.12 -13.99
CA GLY C 72 -6.38 -8.96 -13.66
C GLY C 72 -6.23 -7.98 -14.81
N LEU C 73 -5.35 -7.02 -14.57
CA LEU C 73 -5.12 -5.90 -15.45
C LEU C 73 -3.84 -6.18 -16.22
N TRP C 74 -3.95 -6.25 -17.55
CA TRP C 74 -2.82 -6.64 -18.37
C TRP C 74 -1.97 -5.46 -18.79
N THR C 75 -2.48 -4.24 -18.66
CA THR C 75 -1.83 -3.05 -19.18
C THR C 75 -1.53 -2.12 -18.00
N THR C 76 -0.26 -2.05 -17.63
CA THR C 76 0.15 -1.23 -16.50
C THR C 76 1.40 -0.47 -16.86
N ASP C 77 1.83 0.41 -15.95
CA ASP C 77 3.01 1.20 -16.23
C ASP C 77 4.25 0.33 -16.39
N SER C 78 4.29 -0.82 -15.72
CA SER C 78 5.49 -1.63 -15.76
C SER C 78 5.63 -2.44 -17.03
N GLY C 79 4.54 -2.62 -17.78
CA GLY C 79 4.54 -3.52 -18.91
C GLY C 79 4.20 -4.96 -18.56
N GLN C 80 4.07 -5.28 -17.26
CA GLN C 80 3.68 -6.59 -16.83
C GLN C 80 2.25 -6.57 -16.31
N PRO C 81 1.51 -7.66 -16.45
CA PRO C 81 0.18 -7.71 -15.86
C PRO C 81 0.23 -7.66 -14.35
N ILE C 82 -0.85 -7.17 -13.77
CA ILE C 82 -1.13 -7.36 -12.36
C ILE C 82 -2.26 -8.39 -12.34
N ALA C 83 -1.89 -9.64 -12.11
CA ALA C 83 -2.80 -10.77 -12.23
C ALA C 83 -3.05 -11.30 -10.83
N ILE C 84 -4.31 -11.56 -10.55
CA ILE C 84 -4.75 -12.13 -9.29
C ILE C 84 -5.03 -13.60 -9.58
N ARG C 85 -4.28 -14.49 -8.91
CA ARG C 85 -4.25 -15.90 -9.28
C ARG C 85 -4.98 -16.75 -8.25
N GLY C 86 -6.11 -17.29 -8.66
CA GLY C 86 -6.86 -18.20 -7.84
C GLY C 86 -8.14 -17.54 -7.35
N ARG C 87 -9.21 -18.34 -7.31
CA ARG C 87 -10.49 -17.83 -6.89
C ARG C 87 -10.42 -17.22 -5.51
N GLU C 88 -9.71 -17.87 -4.58
CA GLU C 88 -9.63 -17.32 -3.23
C GLU C 88 -8.95 -15.96 -3.24
N LYS C 89 -7.84 -15.84 -3.97
CA LYS C 89 -7.17 -14.54 -4.02
C LYS C 89 -8.01 -13.51 -4.75
N LEU C 90 -8.78 -13.92 -5.75
CA LEU C 90 -9.69 -12.97 -6.38
C LEU C 90 -10.73 -12.45 -5.40
N GLY C 91 -11.25 -13.32 -4.54
CA GLY C 91 -12.17 -12.84 -3.53
C GLY C 91 -11.53 -11.90 -2.54
N GLU C 92 -10.28 -12.16 -2.18
CA GLU C 92 -9.58 -11.25 -1.28
C GLU C 92 -9.32 -9.92 -1.98
N HIS C 93 -8.98 -9.97 -3.26
CA HIS C 93 -8.72 -8.73 -3.98
C HIS C 93 -9.97 -7.87 -4.11
N ALA C 94 -11.15 -8.48 -4.14
CA ALA C 94 -12.37 -7.68 -4.23
C ALA C 94 -12.45 -6.65 -3.13
N VAL C 95 -11.94 -6.98 -1.94
CA VAL C 95 -11.93 -6.00 -0.85
C VAL C 95 -11.16 -4.75 -1.26
N TRP C 96 -9.97 -4.94 -1.82
CA TRP C 96 -9.15 -3.81 -2.27
C TRP C 96 -9.77 -3.13 -3.47
N SER C 97 -10.39 -3.90 -4.36
CA SER C 97 -11.05 -3.30 -5.50
C SER C 97 -12.14 -2.34 -5.05
N LEU C 98 -12.96 -2.77 -4.08
CA LEU C 98 -14.03 -1.92 -3.58
C LEU C 98 -13.50 -0.72 -2.83
N GLN C 99 -12.31 -0.82 -2.25
CA GLN C 99 -11.72 0.34 -1.59
C GLN C 99 -11.19 1.33 -2.62
N CYS C 100 -10.47 0.84 -3.62
CA CYS C 100 -9.80 1.72 -4.56
C CYS C 100 -10.75 2.28 -5.60
N PHE C 101 -11.81 1.54 -5.93
CA PHE C 101 -12.75 1.90 -6.99
C PHE C 101 -14.14 1.70 -6.40
N PRO C 102 -14.55 2.56 -5.48
CA PRO C 102 -15.71 2.23 -4.64
C PRO C 102 -17.05 2.22 -5.37
N ASP C 103 -17.18 2.92 -6.48
CA ASP C 103 -18.45 3.00 -7.20
C ASP C 103 -18.29 2.58 -8.66
N TRP C 104 -17.29 1.76 -8.96
CA TRP C 104 -16.94 1.45 -10.33
C TRP C 104 -18.09 0.80 -11.09
N VAL C 105 -18.30 1.27 -12.32
CA VAL C 105 -19.24 0.66 -13.23
C VAL C 105 -18.59 0.49 -14.59
N TRP C 106 -18.93 -0.61 -15.25
CA TRP C 106 -18.67 -0.78 -16.66
C TRP C 106 -19.91 -0.33 -17.43
N THR C 107 -19.68 0.39 -18.51
CA THR C 107 -20.73 0.96 -19.32
C THR C 107 -20.43 0.66 -20.78
N ASP C 108 -21.40 0.98 -21.64
CA ASP C 108 -21.22 0.80 -23.06
C ASP C 108 -20.75 -0.62 -23.38
N ILE C 109 -21.37 -1.59 -22.72
CA ILE C 109 -20.88 -2.95 -22.76
C ILE C 109 -21.29 -3.61 -24.08
N GLN C 110 -20.31 -4.11 -24.82
CA GLN C 110 -20.58 -4.86 -26.04
C GLN C 110 -19.83 -6.18 -25.89
N ILE C 111 -20.59 -7.27 -25.83
CA ILE C 111 -20.02 -8.59 -25.65
C ILE C 111 -19.88 -9.26 -26.99
N PHE C 112 -18.71 -9.80 -27.26
CA PHE C 112 -18.42 -10.52 -28.48
C PHE C 112 -18.19 -11.98 -28.16
N GLU C 113 -19.10 -12.83 -28.66
CA GLU C 113 -18.83 -14.24 -28.75
C GLU C 113 -17.78 -14.45 -29.83
N THR C 114 -17.16 -15.61 -29.83
CA THR C 114 -16.19 -15.94 -30.86
C THR C 114 -16.41 -17.36 -31.35
N GLN C 115 -15.60 -17.76 -32.32
CA GLN C 115 -15.66 -19.13 -32.80
C GLN C 115 -15.30 -20.14 -31.71
N ASP C 116 -14.59 -19.70 -30.67
CA ASP C 116 -14.28 -20.53 -29.52
C ASP C 116 -15.40 -20.32 -28.52
N PRO C 117 -16.22 -21.34 -28.23
CA PRO C 117 -17.34 -21.12 -27.29
C PRO C 117 -16.88 -20.72 -25.90
N ASN C 118 -15.61 -20.94 -25.60
CA ASN C 118 -15.02 -20.61 -24.31
C ASN C 118 -14.19 -19.36 -24.32
N TRP C 119 -14.30 -18.52 -25.34
CA TRP C 119 -13.53 -17.28 -25.40
C TRP C 119 -14.43 -16.16 -25.87
N PHE C 120 -14.52 -15.13 -25.04
CA PHE C 120 -15.29 -13.94 -25.31
C PHE C 120 -14.38 -12.73 -25.18
N TRP C 121 -14.75 -11.70 -25.91
CA TRP C 121 -14.15 -10.39 -25.77
C TRP C 121 -15.26 -9.40 -25.44
N VAL C 122 -14.93 -8.38 -24.69
CA VAL C 122 -15.89 -7.34 -24.35
C VAL C 122 -15.23 -6.00 -24.60
N GLU C 123 -15.91 -5.13 -25.31
CA GLU C 123 -15.52 -3.74 -25.40
C GLU C 123 -16.47 -2.93 -24.53
N CYS C 124 -15.91 -2.03 -23.73
CA CYS C 124 -16.75 -1.24 -22.84
C CYS C 124 -15.97 -0.01 -22.41
N ARG C 125 -16.62 0.81 -21.61
CA ARG C 125 -15.94 1.83 -20.83
C ARG C 125 -16.12 1.48 -19.37
N GLY C 126 -15.30 2.11 -18.55
CA GLY C 126 -15.44 1.99 -17.11
C GLY C 126 -15.21 3.34 -16.49
N GLU C 127 -15.88 3.58 -15.37
CA GLU C 127 -15.68 4.84 -14.70
C GLU C 127 -16.05 4.73 -13.24
N GLY C 128 -15.44 5.60 -12.47
CA GLY C 128 -15.76 5.72 -11.08
C GLY C 128 -14.69 6.51 -10.37
N ALA C 129 -14.96 6.79 -9.11
CA ALA C 129 -13.94 7.39 -8.27
C ALA C 129 -12.73 6.47 -8.20
N ILE C 130 -11.55 7.06 -8.14
CA ILE C 130 -10.33 6.31 -7.89
C ILE C 130 -9.75 6.82 -6.58
N VAL C 131 -9.51 5.90 -5.67
CA VAL C 131 -9.06 6.21 -4.32
C VAL C 131 -7.83 5.35 -4.05
N PHE C 132 -6.71 5.73 -4.65
CA PHE C 132 -5.49 4.99 -4.46
C PHE C 132 -4.73 5.54 -3.27
N PRO C 133 -4.16 4.68 -2.45
CA PRO C 133 -3.43 5.17 -1.26
C PRO C 133 -2.34 6.16 -1.64
N GLY C 134 -2.32 7.29 -0.96
CA GLY C 134 -1.27 8.26 -1.17
C GLY C 134 -1.45 9.14 -2.39
N TYR C 135 -2.58 9.04 -3.07
CA TYR C 135 -2.90 9.92 -4.18
C TYR C 135 -4.18 10.67 -3.82
N PRO C 136 -4.40 11.85 -4.40
CA PRO C 136 -5.68 12.52 -4.18
C PRO C 136 -6.80 11.66 -4.76
N ARG C 137 -7.95 11.69 -4.09
CA ARG C 137 -9.15 11.11 -4.67
C ARG C 137 -9.37 11.74 -6.04
N GLY C 138 -9.67 10.89 -7.02
CA GLY C 138 -9.87 11.35 -8.38
C GLY C 138 -11.09 10.70 -9.01
N GLN C 139 -11.32 11.04 -10.26
N GLN C 139 -11.32 11.04 -10.26
CA GLN C 139 -12.37 10.43 -11.07
CA GLN C 139 -12.37 10.43 -11.07
C GLN C 139 -11.67 9.80 -12.26
C GLN C 139 -11.68 9.80 -12.26
N TYR C 140 -11.85 8.51 -12.43
CA TYR C 140 -11.16 7.73 -13.45
C TYR C 140 -12.18 7.24 -14.45
N ARG C 141 -11.93 7.51 -15.73
CA ARG C 141 -12.73 7.01 -16.82
C ARG C 141 -11.76 6.41 -17.83
N ASN C 142 -12.13 5.28 -18.41
CA ASN C 142 -11.26 4.71 -19.43
C ASN C 142 -12.05 3.80 -20.34
N HIS C 143 -11.47 3.54 -21.50
CA HIS C 143 -11.96 2.54 -22.42
C HIS C 143 -11.26 1.23 -22.09
N PHE C 144 -11.99 0.13 -22.16
CA PHE C 144 -11.45 -1.16 -21.82
C PHE C 144 -11.83 -2.21 -22.86
N LEU C 145 -10.93 -3.17 -23.00
CA LEU C 145 -11.24 -4.44 -23.63
C LEU C 145 -11.02 -5.51 -22.60
N HIS C 146 -11.95 -6.44 -22.49
CA HIS C 146 -11.77 -7.59 -21.63
C HIS C 146 -11.73 -8.86 -22.46
N SER C 147 -10.92 -9.79 -22.02
CA SER C 147 -10.86 -11.15 -22.54
C SER C 147 -11.35 -12.08 -21.44
N PHE C 148 -12.28 -12.97 -21.79
CA PHE C 148 -12.78 -14.00 -20.89
C PHE C 148 -12.59 -15.36 -21.53
N ARG C 149 -11.84 -16.23 -20.87
CA ARG C 149 -11.69 -17.60 -21.29
C ARG C 149 -12.26 -18.49 -20.21
N PHE C 150 -13.02 -19.49 -20.64
CA PHE C 150 -13.83 -20.32 -19.76
C PHE C 150 -13.29 -21.74 -19.74
N GLU C 151 -13.53 -22.40 -18.61
CA GLU C 151 -13.33 -23.82 -18.48
C GLU C 151 -14.45 -24.37 -17.62
N ASN C 152 -15.15 -25.37 -18.12
CA ASN C 152 -16.22 -26.04 -17.37
C ASN C 152 -17.23 -25.02 -16.84
N GLY C 153 -17.54 -24.03 -17.67
CA GLY C 153 -18.63 -23.12 -17.38
C GLY C 153 -18.33 -21.99 -16.43
N LEU C 154 -17.07 -21.83 -16.03
CA LEU C 154 -16.67 -20.68 -15.22
C LEU C 154 -15.45 -20.05 -15.86
N ILE C 155 -15.10 -18.87 -15.37
CA ILE C 155 -14.00 -18.11 -15.95
C ILE C 155 -12.69 -18.72 -15.50
N LYS C 156 -11.87 -19.12 -16.46
CA LYS C 156 -10.51 -19.56 -16.22
C LYS C 156 -9.53 -18.39 -16.26
N GLU C 157 -9.76 -17.44 -17.15
CA GLU C 157 -8.85 -16.31 -17.28
C GLU C 157 -9.62 -15.08 -17.74
N GLN C 158 -9.58 -14.04 -16.94
CA GLN C 158 -10.09 -12.72 -17.28
C GLN C 158 -8.91 -11.80 -17.37
N ARG C 159 -8.86 -10.99 -18.42
CA ARG C 159 -7.82 -10.00 -18.60
C ARG C 159 -8.51 -8.72 -19.07
N GLU C 160 -8.11 -7.59 -18.50
CA GLU C 160 -8.59 -6.30 -18.97
C GLU C 160 -7.43 -5.47 -19.48
N PHE C 161 -7.70 -4.71 -20.54
CA PHE C 161 -6.70 -3.97 -21.28
C PHE C 161 -7.20 -2.55 -21.42
N MET C 162 -6.36 -1.58 -21.08
CA MET C 162 -6.73 -0.19 -21.23
C MET C 162 -5.47 0.60 -21.54
N ASN C 163 -5.64 1.90 -21.69
CA ASN C 163 -4.53 2.81 -21.87
C ASN C 163 -4.17 3.37 -20.51
N PRO C 164 -3.04 2.99 -19.92
CA PRO C 164 -2.71 3.47 -18.57
C PRO C 164 -2.61 4.97 -18.48
N CYS C 165 -2.35 5.66 -19.59
CA CYS C 165 -2.23 7.11 -19.52
C CYS C 165 -3.47 7.75 -18.90
N GLU C 166 -4.66 7.20 -19.17
CA GLU C 166 -5.85 7.79 -18.60
C GLU C 166 -5.92 7.57 -17.11
N GLN C 167 -5.38 6.45 -16.63
CA GLN C 167 -5.33 6.24 -15.19
C GLN C 167 -4.30 7.16 -14.57
N PHE C 168 -3.16 7.37 -15.24
CA PHE C 168 -2.20 8.36 -14.75
C PHE C 168 -2.90 9.70 -14.55
N ARG C 169 -3.65 10.14 -15.57
CA ARG C 169 -4.33 11.43 -15.46
C ARG C 169 -5.26 11.46 -14.26
N SER C 170 -5.98 10.36 -14.01
CA SER C 170 -6.94 10.36 -12.90
C SER C 170 -6.24 10.48 -11.56
N LEU C 171 -4.98 10.09 -11.49
CA LEU C 171 -4.17 10.12 -10.30
C LEU C 171 -3.32 11.37 -10.20
N GLY C 172 -3.43 12.28 -11.16
CA GLY C 172 -2.61 13.48 -11.15
C GLY C 172 -1.18 13.25 -11.56
N ILE C 173 -0.89 12.11 -12.16
CA ILE C 173 0.45 11.75 -12.61
C ILE C 173 0.64 12.31 -14.01
N GLU C 174 1.77 12.98 -14.21
CA GLU C 174 2.06 13.58 -15.50
C GLU C 174 2.27 12.49 -16.56
N VAL C 175 1.65 12.68 -17.71
CA VAL C 175 1.77 11.73 -18.81
C VAL C 175 2.81 12.28 -19.78
N PRO C 176 3.81 11.51 -20.17
CA PRO C 176 4.76 12.03 -21.17
C PRO C 176 4.07 12.19 -22.51
N GLU C 177 4.62 13.08 -23.32
CA GLU C 177 4.05 13.37 -24.63
C GLU C 177 5.10 13.04 -25.67
N VAL C 178 4.72 12.25 -26.65
CA VAL C 178 5.58 12.03 -27.80
C VAL C 178 5.51 13.27 -28.67
N ARG C 179 6.66 13.84 -28.98
CA ARG C 179 6.70 15.03 -29.82
C ARG C 179 6.27 14.68 -31.24
N ARG C 180 5.36 15.47 -31.81
CA ARG C 180 4.72 15.13 -33.07
C ARG C 180 5.24 15.92 -34.25
N ASP C 181 6.29 16.73 -34.06
CA ASP C 181 6.69 17.66 -35.11
C ASP C 181 7.03 16.96 -36.41
N GLY C 182 7.70 15.81 -36.34
CA GLY C 182 7.95 15.03 -37.55
C GLY C 182 7.04 13.84 -37.75
N LEU C 183 5.86 13.85 -37.17
CA LEU C 183 4.98 12.67 -37.14
C LEU C 183 3.58 13.04 -37.64
N PRO C 184 3.39 13.07 -38.96
CA PRO C 184 2.11 13.56 -39.50
C PRO C 184 1.03 12.50 -39.46
N SER C 185 -0.20 12.97 -39.22
CA SER C 185 -1.38 12.13 -39.37
C SER C 185 -2.43 12.96 -40.07
N ASN D 33 -28.99 -16.00 -42.85
CA ASN D 33 -27.89 -16.69 -42.20
C ASN D 33 -26.82 -17.10 -43.22
N ARG D 34 -27.26 -17.59 -44.39
CA ARG D 34 -26.31 -17.87 -45.46
C ARG D 34 -25.54 -16.61 -45.84
N ALA D 35 -26.22 -15.46 -45.80
CA ALA D 35 -25.56 -14.19 -46.08
C ALA D 35 -24.56 -13.83 -44.98
N GLN D 36 -24.93 -14.03 -43.73
CA GLN D 36 -24.01 -13.76 -42.63
C GLN D 36 -22.78 -14.67 -42.74
N VAL D 37 -22.99 -15.94 -43.04
CA VAL D 37 -21.86 -16.87 -43.17
C VAL D 37 -20.93 -16.41 -44.27
N ALA D 38 -21.50 -16.09 -45.44
CA ALA D 38 -20.68 -15.66 -46.57
C ALA D 38 -19.85 -14.43 -46.21
N ALA D 39 -20.49 -13.45 -45.58
CA ALA D 39 -19.77 -12.25 -45.17
C ALA D 39 -18.62 -12.59 -44.23
N ARG D 40 -18.85 -13.45 -43.25
CA ARG D 40 -17.83 -13.74 -42.26
C ARG D 40 -16.60 -14.39 -42.89
N GLN D 41 -16.81 -15.36 -43.77
N GLN D 41 -16.81 -15.38 -43.76
CA GLN D 41 -15.67 -16.08 -44.37
CA GLN D 41 -15.68 -16.09 -44.38
C GLN D 41 -14.83 -15.16 -45.25
C GLN D 41 -14.84 -15.14 -45.22
N HIS D 42 -15.49 -14.30 -46.03
CA HIS D 42 -14.75 -13.33 -46.82
C HIS D 42 -14.01 -12.34 -45.95
N ASN D 43 -14.71 -11.79 -44.95
CA ASN D 43 -14.08 -10.77 -44.12
C ASN D 43 -12.87 -11.35 -43.38
N ARG D 44 -12.98 -12.58 -42.91
CA ARG D 44 -11.85 -13.19 -42.22
C ARG D 44 -10.60 -13.20 -43.11
N LYS D 45 -10.77 -13.49 -44.40
CA LYS D 45 -9.63 -13.49 -45.31
C LYS D 45 -8.99 -12.11 -45.38
N ILE D 46 -9.82 -11.06 -45.39
CA ILE D 46 -9.31 -9.70 -45.38
C ILE D 46 -8.53 -9.42 -44.07
N VAL D 47 -9.07 -9.85 -42.93
CA VAL D 47 -8.35 -9.64 -41.67
C VAL D 47 -7.01 -10.37 -41.72
N GLU D 48 -7.02 -11.62 -42.16
CA GLU D 48 -5.77 -12.36 -42.27
C GLU D 48 -4.78 -11.62 -43.15
N GLN D 49 -5.25 -11.15 -44.31
CA GLN D 49 -4.34 -10.45 -45.21
C GLN D 49 -3.80 -9.19 -44.54
N TYR D 50 -4.67 -8.41 -43.91
CA TYR D 50 -4.21 -7.21 -43.22
C TYR D 50 -3.13 -7.55 -42.21
N MET D 51 -3.38 -8.54 -41.37
CA MET D 51 -2.44 -8.83 -40.30
C MET D 51 -1.11 -9.34 -40.83
N HIS D 52 -1.12 -9.97 -42.00
CA HIS D 52 0.11 -10.46 -42.60
C HIS D 52 0.77 -9.44 -43.52
N THR D 53 0.20 -8.25 -43.68
CA THR D 53 0.76 -7.29 -44.61
C THR D 53 2.01 -6.65 -44.03
N ARG D 54 3.11 -6.74 -44.78
CA ARG D 54 4.40 -6.26 -44.33
C ARG D 54 5.15 -5.75 -45.53
N GLY D 55 6.26 -5.07 -45.26
CA GLY D 55 7.14 -4.65 -46.31
C GLY D 55 6.45 -3.70 -47.28
N GLU D 56 6.87 -3.77 -48.54
CA GLU D 56 6.31 -2.88 -49.54
C GLU D 56 4.82 -3.08 -49.75
N ALA D 57 4.29 -4.25 -49.42
CA ALA D 57 2.85 -4.47 -49.54
C ALA D 57 2.07 -3.52 -48.64
N ARG D 58 2.71 -2.96 -47.61
CA ARG D 58 2.05 -1.97 -46.78
C ARG D 58 1.59 -0.77 -47.57
N LEU D 59 2.25 -0.48 -48.70
CA LEU D 59 1.84 0.67 -49.50
C LEU D 59 0.47 0.48 -50.14
N LYS D 60 -0.06 -0.74 -50.16
CA LYS D 60 -1.36 -1.02 -50.76
C LYS D 60 -2.36 -1.56 -49.75
N ARG D 61 -2.00 -1.58 -48.46
CA ARG D 61 -2.93 -2.11 -47.46
C ARG D 61 -4.22 -1.30 -47.43
N HIS D 62 -4.16 -0.02 -47.77
CA HIS D 62 -5.34 0.82 -47.75
C HIS D 62 -6.41 0.32 -48.71
N LEU D 63 -6.03 -0.48 -49.70
CA LEU D 63 -7.01 -1.00 -50.64
C LEU D 63 -7.92 -2.02 -49.99
N LEU D 64 -7.62 -2.47 -48.77
CA LEU D 64 -8.51 -3.32 -48.02
C LEU D 64 -9.63 -2.56 -47.33
N PHE D 65 -9.69 -1.23 -47.49
CA PHE D 65 -10.66 -0.40 -46.82
C PHE D 65 -11.72 0.11 -47.78
N THR D 66 -12.89 0.42 -47.23
CA THR D 66 -13.88 1.19 -47.97
C THR D 66 -13.33 2.58 -48.25
N GLU D 67 -13.95 3.28 -49.19
CA GLU D 67 -13.45 4.61 -49.56
C GLU D 67 -13.39 5.52 -48.36
N ASP D 68 -14.37 5.42 -47.47
CA ASP D 68 -14.44 6.25 -46.28
C ASP D 68 -13.92 5.52 -45.06
N GLY D 69 -13.17 4.45 -45.26
CA GLY D 69 -12.71 3.65 -44.15
C GLY D 69 -11.72 4.40 -43.28
N VAL D 70 -11.68 4.02 -42.01
CA VAL D 70 -10.84 4.65 -41.00
C VAL D 70 -9.96 3.58 -40.39
N GLY D 71 -8.70 3.91 -40.17
CA GLY D 71 -7.79 3.03 -39.46
C GLY D 71 -6.89 3.83 -38.55
N GLY D 72 -6.54 3.32 -37.38
CA GLY D 72 -5.60 4.06 -36.59
C GLY D 72 -5.38 3.44 -35.24
N LEU D 73 -4.62 4.21 -34.45
CA LEU D 73 -4.18 3.81 -33.12
C LEU D 73 -5.07 4.49 -32.10
N TRP D 74 -5.75 3.69 -31.30
CA TRP D 74 -6.75 4.23 -30.39
C TRP D 74 -6.17 4.57 -29.04
N THR D 75 -4.98 4.11 -28.72
CA THR D 75 -4.36 4.26 -27.41
C THR D 75 -3.07 5.04 -27.57
N THR D 76 -3.09 6.30 -27.16
CA THR D 76 -1.94 7.17 -27.28
C THR D 76 -1.78 7.97 -25.99
N ASP D 77 -0.68 8.71 -25.90
CA ASP D 77 -0.44 9.50 -24.70
C ASP D 77 -1.54 10.52 -24.46
N SER D 78 -2.18 11.01 -25.50
CA SER D 78 -3.13 12.09 -25.32
C SER D 78 -4.49 11.60 -24.84
N GLY D 79 -4.76 10.31 -24.98
CA GLY D 79 -6.08 9.77 -24.70
C GLY D 79 -7.03 9.84 -25.88
N GLN D 80 -6.63 10.47 -26.97
CA GLN D 80 -7.44 10.50 -28.18
C GLN D 80 -6.83 9.60 -29.25
N PRO D 81 -7.64 9.01 -30.10
CA PRO D 81 -7.07 8.19 -31.18
C PRO D 81 -6.27 9.04 -32.14
N ILE D 82 -5.31 8.41 -32.80
CA ILE D 82 -4.70 8.95 -34.00
C ILE D 82 -5.28 8.13 -35.13
N ALA D 83 -6.30 8.67 -35.77
CA ALA D 83 -7.09 7.96 -36.75
C ALA D 83 -6.86 8.58 -38.11
N ILE D 84 -6.68 7.72 -39.10
CA ILE D 84 -6.49 8.13 -40.48
C ILE D 84 -7.83 7.87 -41.17
N ARG D 85 -8.43 8.92 -41.71
CA ARG D 85 -9.80 8.88 -42.18
C ARG D 85 -9.85 8.94 -43.70
N GLY D 86 -10.25 7.84 -44.29
CA GLY D 86 -10.44 7.76 -45.73
C GLY D 86 -9.36 6.89 -46.34
N ARG D 87 -9.77 6.10 -47.32
CA ARG D 87 -8.85 5.19 -47.98
C ARG D 87 -7.68 5.94 -48.58
N GLU D 88 -7.94 7.07 -49.23
CA GLU D 88 -6.83 7.80 -49.85
C GLU D 88 -5.84 8.28 -48.79
N LYS D 89 -6.35 8.79 -47.67
CA LYS D 89 -5.46 9.22 -46.59
C LYS D 89 -4.73 8.03 -45.97
N LEU D 90 -5.38 6.87 -45.87
CA LEU D 90 -4.68 5.68 -45.39
C LEU D 90 -3.52 5.32 -46.31
N GLY D 91 -3.72 5.44 -47.63
CA GLY D 91 -2.63 5.15 -48.53
C GLY D 91 -1.50 6.15 -48.38
N GLU D 92 -1.84 7.43 -48.19
CA GLU D 92 -0.80 8.42 -47.94
C GLU D 92 -0.07 8.12 -46.63
N HIS D 93 -0.81 7.72 -45.60
CA HIS D 93 -0.19 7.48 -44.33
C HIS D 93 0.76 6.28 -44.37
N ALA D 94 0.53 5.34 -45.27
CA ALA D 94 1.43 4.19 -45.37
C ALA D 94 2.87 4.64 -45.62
N VAL D 95 3.07 5.74 -46.32
CA VAL D 95 4.41 6.26 -46.50
C VAL D 95 5.05 6.56 -45.15
N TRP D 96 4.31 7.22 -44.26
CA TRP D 96 4.85 7.58 -42.95
C TRP D 96 4.95 6.35 -42.06
N SER D 97 4.02 5.43 -42.18
CA SER D 97 4.12 4.17 -41.46
C SER D 97 5.41 3.44 -41.80
N LEU D 98 5.75 3.40 -43.08
CA LEU D 98 6.96 2.71 -43.51
C LEU D 98 8.21 3.45 -43.09
N GLN D 99 8.13 4.77 -42.95
CA GLN D 99 9.29 5.52 -42.48
C GLN D 99 9.51 5.28 -41.00
N CYS D 100 8.44 5.31 -40.21
CA CYS D 100 8.57 5.29 -38.77
C CYS D 100 8.68 3.89 -38.22
N PHE D 101 8.13 2.91 -38.92
CA PHE D 101 8.16 1.51 -38.52
C PHE D 101 8.58 0.71 -39.73
N PRO D 102 9.86 0.79 -40.11
CA PRO D 102 10.26 0.33 -41.46
C PRO D 102 10.15 -1.16 -41.66
N ASP D 103 10.17 -1.96 -40.60
CA ASP D 103 10.18 -3.41 -40.72
C ASP D 103 9.13 -4.04 -39.84
N TRP D 104 8.03 -3.34 -39.60
CA TRP D 104 7.04 -3.80 -38.66
C TRP D 104 6.44 -5.14 -39.08
N VAL D 105 6.30 -6.04 -38.10
CA VAL D 105 5.64 -7.33 -38.29
C VAL D 105 4.64 -7.52 -37.17
N TRP D 106 3.45 -8.01 -37.51
CA TRP D 106 2.50 -8.53 -36.53
C TRP D 106 2.77 -10.01 -36.34
N THR D 107 2.88 -10.46 -35.10
CA THR D 107 3.20 -11.83 -34.77
C THR D 107 2.13 -12.36 -33.83
N ASP D 108 2.18 -13.66 -33.56
CA ASP D 108 1.30 -14.27 -32.58
C ASP D 108 -0.16 -13.94 -32.87
N ILE D 109 -0.52 -14.00 -34.13
CA ILE D 109 -1.84 -13.51 -34.55
C ILE D 109 -2.89 -14.54 -34.20
N GLN D 110 -3.92 -14.10 -33.48
CA GLN D 110 -5.10 -14.91 -33.24
C GLN D 110 -6.32 -14.11 -33.63
N ILE D 111 -7.07 -14.59 -34.60
CA ILE D 111 -8.21 -13.90 -35.14
C ILE D 111 -9.47 -14.44 -34.50
N PHE D 112 -10.32 -13.55 -34.04
CA PHE D 112 -11.59 -13.90 -33.43
C PHE D 112 -12.69 -13.38 -34.32
N GLU D 113 -13.45 -14.32 -34.90
CA GLU D 113 -14.74 -14.00 -35.46
C GLU D 113 -15.68 -13.70 -34.31
N THR D 114 -16.80 -13.06 -34.62
CA THR D 114 -17.79 -12.77 -33.61
C THR D 114 -19.17 -13.08 -34.16
N GLN D 115 -20.19 -12.88 -33.33
CA GLN D 115 -21.56 -13.07 -33.79
C GLN D 115 -21.95 -12.08 -34.87
N ASP D 116 -21.23 -10.96 -34.97
CA ASP D 116 -21.42 -10.00 -36.04
C ASP D 116 -20.49 -10.42 -37.16
N PRO D 117 -21.00 -10.87 -38.31
CA PRO D 117 -20.11 -11.33 -39.38
C PRO D 117 -19.21 -10.23 -39.90
N ASN D 118 -19.52 -8.98 -39.56
CA ASN D 118 -18.75 -7.84 -40.00
C ASN D 118 -17.87 -7.26 -38.89
N TRP D 119 -17.66 -7.98 -37.79
CA TRP D 119 -16.83 -7.49 -36.70
C TRP D 119 -15.90 -8.59 -36.25
N PHE D 120 -14.60 -8.32 -36.30
CA PHE D 120 -13.57 -9.25 -35.87
C PHE D 120 -12.67 -8.55 -34.87
N TRP D 121 -12.10 -9.35 -33.98
CA TRP D 121 -11.05 -8.90 -33.07
C TRP D 121 -9.82 -9.75 -33.32
N VAL D 122 -8.67 -9.15 -33.11
CA VAL D 122 -7.40 -9.85 -33.28
C VAL D 122 -6.56 -9.57 -32.06
N GLU D 123 -6.03 -10.62 -31.45
CA GLU D 123 -5.00 -10.48 -30.43
C GLU D 123 -3.69 -10.86 -31.07
N CYS D 124 -2.67 -10.06 -30.86
CA CYS D 124 -1.40 -10.32 -31.50
C CYS D 124 -0.31 -9.56 -30.76
N ARG D 125 0.90 -9.71 -31.24
CA ARG D 125 2.00 -8.82 -30.87
C ARG D 125 2.49 -8.13 -32.13
N GLY D 126 3.31 -7.13 -31.95
CA GLY D 126 3.96 -6.47 -33.06
C GLY D 126 5.39 -6.14 -32.65
N GLU D 127 6.25 -6.09 -33.66
CA GLU D 127 7.64 -5.76 -33.38
C GLU D 127 8.29 -5.13 -34.59
N GLY D 128 9.23 -4.24 -34.33
CA GLY D 128 10.00 -3.66 -35.40
C GLY D 128 10.80 -2.50 -34.84
N ALA D 129 11.71 -2.01 -35.68
CA ALA D 129 12.39 -0.77 -35.36
C ALA D 129 11.37 0.35 -35.25
N ILE D 130 11.64 1.29 -34.36
CA ILE D 130 10.86 2.52 -34.27
C ILE D 130 11.80 3.67 -34.58
N VAL D 131 11.41 4.46 -35.58
CA VAL D 131 12.25 5.52 -36.12
C VAL D 131 11.39 6.77 -36.09
N PHE D 132 11.18 7.31 -34.91
CA PHE D 132 10.38 8.51 -34.80
C PHE D 132 11.29 9.72 -34.88
N PRO D 133 10.91 10.74 -35.64
CA PRO D 133 11.81 11.88 -35.82
C PRO D 133 12.15 12.52 -34.50
N GLY D 134 13.43 12.78 -34.30
CA GLY D 134 13.91 13.41 -33.10
C GLY D 134 14.06 12.49 -31.91
N TYR D 135 13.81 11.19 -32.08
CA TYR D 135 14.04 10.23 -31.01
C TYR D 135 15.11 9.26 -31.47
N PRO D 136 15.86 8.68 -30.55
CA PRO D 136 16.85 7.68 -30.98
C PRO D 136 16.13 6.50 -31.62
N ARG D 137 16.75 5.93 -32.64
CA ARG D 137 16.23 4.70 -33.22
C ARG D 137 16.12 3.66 -32.11
N GLY D 138 14.99 2.97 -32.06
CA GLY D 138 14.74 2.00 -31.03
C GLY D 138 14.19 0.71 -31.62
N GLN D 139 13.96 -0.25 -30.74
CA GLN D 139 13.30 -1.48 -31.10
C GLN D 139 12.03 -1.52 -30.27
N TYR D 140 10.90 -1.58 -30.94
CA TYR D 140 9.59 -1.51 -30.32
C TYR D 140 8.92 -2.86 -30.41
N ARG D 141 8.51 -3.39 -29.26
CA ARG D 141 7.71 -4.59 -29.15
C ARG D 141 6.49 -4.27 -28.31
N ASN D 142 5.34 -4.77 -28.71
CA ASN D 142 4.18 -4.56 -27.87
C ASN D 142 3.13 -5.62 -28.16
N HIS D 143 2.22 -5.76 -27.21
CA HIS D 143 1.01 -6.54 -27.40
C HIS D 143 -0.09 -5.62 -27.93
N PHE D 144 -0.92 -6.16 -28.83
CA PHE D 144 -1.96 -5.38 -29.46
C PHE D 144 -3.26 -6.15 -29.53
N LEU D 145 -4.34 -5.39 -29.47
CA LEU D 145 -5.66 -5.86 -29.88
C LEU D 145 -6.09 -5.01 -31.05
N HIS D 146 -6.62 -5.65 -32.08
CA HIS D 146 -7.19 -4.93 -33.21
C HIS D 146 -8.68 -5.23 -33.30
N SER D 147 -9.43 -4.20 -33.69
CA SER D 147 -10.84 -4.32 -34.03
C SER D 147 -10.97 -4.06 -35.52
N PHE D 148 -11.69 -4.92 -36.22
CA PHE D 148 -11.99 -4.74 -37.63
C PHE D 148 -13.48 -4.79 -37.84
N ARG D 149 -14.04 -3.71 -38.36
CA ARG D 149 -15.44 -3.67 -38.73
C ARG D 149 -15.51 -3.51 -40.24
N PHE D 150 -16.38 -4.30 -40.88
CA PHE D 150 -16.49 -4.40 -42.32
C PHE D 150 -17.78 -3.80 -42.82
N GLU D 151 -17.74 -3.36 -44.07
CA GLU D 151 -18.91 -2.94 -44.81
C GLU D 151 -18.70 -3.35 -46.25
N ASN D 152 -19.63 -4.13 -46.79
CA ASN D 152 -19.59 -4.54 -48.19
C ASN D 152 -18.23 -5.11 -48.57
N GLY D 153 -17.71 -5.98 -47.69
CA GLY D 153 -16.56 -6.77 -48.03
C GLY D 153 -15.22 -6.11 -47.79
N LEU D 154 -15.19 -4.89 -47.29
CA LEU D 154 -13.94 -4.20 -47.01
C LEU D 154 -13.98 -3.59 -45.62
N ILE D 155 -12.82 -3.15 -45.15
CA ILE D 155 -12.71 -2.64 -43.79
C ILE D 155 -13.28 -1.23 -43.75
N LYS D 156 -14.30 -1.02 -42.92
CA LYS D 156 -14.84 0.30 -42.63
C LYS D 156 -14.12 0.95 -41.47
N GLU D 157 -13.70 0.17 -40.48
CA GLU D 157 -13.02 0.73 -39.33
C GLU D 157 -12.05 -0.29 -38.77
N GLN D 158 -10.78 0.08 -38.72
CA GLN D 158 -9.74 -0.67 -38.05
C GLN D 158 -9.25 0.17 -36.90
N ARG D 159 -9.11 -0.44 -35.73
CA ARG D 159 -8.59 0.23 -34.57
C ARG D 159 -7.61 -0.71 -33.89
N GLU D 160 -6.47 -0.16 -33.47
CA GLU D 160 -5.50 -0.95 -32.71
C GLU D 160 -5.31 -0.34 -31.34
N PHE D 161 -5.13 -1.22 -30.37
CA PHE D 161 -5.10 -0.87 -28.95
C PHE D 161 -3.87 -1.51 -28.35
N MET D 162 -3.09 -0.73 -27.61
CA MET D 162 -1.91 -1.24 -26.95
C MET D 162 -1.70 -0.44 -25.67
N ASN D 163 -0.65 -0.82 -24.95
CA ASN D 163 -0.20 -0.07 -23.80
C ASN D 163 0.88 0.91 -24.25
N PRO D 164 0.59 2.21 -24.30
CA PRO D 164 1.61 3.14 -24.80
C PRO D 164 2.87 3.15 -23.98
N CYS D 165 2.85 2.70 -22.73
CA CYS D 165 4.04 2.73 -21.92
C CYS D 165 5.17 1.96 -22.59
N GLU D 166 4.86 0.88 -23.30
CA GLU D 166 5.91 0.13 -23.97
C GLU D 166 6.48 0.90 -25.15
N GLN D 167 5.65 1.69 -25.82
CA GLN D 167 6.17 2.55 -26.88
C GLN D 167 7.02 3.66 -26.28
N PHE D 168 6.61 4.23 -25.15
CA PHE D 168 7.47 5.20 -24.48
C PHE D 168 8.84 4.60 -24.24
N ARG D 169 8.88 3.38 -23.69
CA ARG D 169 10.16 2.76 -23.41
C ARG D 169 10.99 2.62 -24.67
N SER D 170 10.36 2.23 -25.79
CA SER D 170 11.13 2.05 -27.01
C SER D 170 11.72 3.35 -27.52
N LEU D 171 11.13 4.48 -27.15
CA LEU D 171 11.55 5.81 -27.54
C LEU D 171 12.47 6.47 -26.52
N GLY D 172 12.79 5.78 -25.42
CA GLY D 172 13.59 6.38 -24.39
C GLY D 172 12.87 7.37 -23.52
N ILE D 173 11.54 7.38 -23.58
CA ILE D 173 10.72 8.28 -22.78
C ILE D 173 10.47 7.65 -21.43
N GLU D 174 10.70 8.40 -20.36
CA GLU D 174 10.49 7.87 -19.02
CA GLU D 174 10.49 7.87 -19.02
C GLU D 174 9.01 7.61 -18.79
N VAL D 175 8.72 6.45 -18.22
CA VAL D 175 7.36 6.04 -17.93
C VAL D 175 7.07 6.33 -16.46
N PRO D 176 6.00 7.03 -16.13
CA PRO D 176 5.70 7.23 -14.70
C PRO D 176 5.32 5.92 -14.06
N GLU D 177 5.51 5.87 -12.75
CA GLU D 177 5.30 4.67 -11.97
C GLU D 177 4.26 5.00 -10.91
N VAL D 178 3.13 4.28 -10.94
CA VAL D 178 2.15 4.42 -9.88
C VAL D 178 2.74 3.81 -8.63
N ARG D 179 2.76 4.58 -7.55
CA ARG D 179 3.29 4.08 -6.30
C ARG D 179 2.38 2.99 -5.76
N ARG D 180 2.96 1.85 -5.41
CA ARG D 180 2.18 0.68 -5.04
C ARG D 180 2.29 0.30 -3.58
N ASP D 181 2.96 1.10 -2.77
CA ASP D 181 3.23 0.67 -1.40
C ASP D 181 1.94 0.43 -0.63
N GLY D 182 0.94 1.26 -0.83
CA GLY D 182 -0.28 1.11 -0.07
C GLY D 182 -1.17 0.03 -0.59
N LEU D 183 -0.82 -0.58 -1.76
CA LEU D 183 -1.63 -1.61 -2.38
C LEU D 183 -1.08 -2.98 -2.05
N PRO D 184 -1.91 -4.02 -2.00
CA PRO D 184 -1.39 -5.35 -1.67
C PRO D 184 -0.58 -5.90 -2.83
N SER D 185 0.58 -6.48 -2.50
CA SER D 185 1.49 -7.03 -3.49
C SER D 185 0.79 -8.06 -4.39
#